data_5KR9
#
_entry.id   5KR9
#
_cell.length_a   56.473
_cell.length_b   82.592
_cell.length_c   58.603
_cell.angle_alpha   90.00
_cell.angle_beta   111.25
_cell.angle_gamma   90.00
#
_symmetry.space_group_name_H-M   'P 1 21 1'
#
loop_
_entity.id
_entity.type
_entity.pdbx_description
1 polymer 'Estrogen receptor'
2 polymer NCOA2
3 non-polymer Coumestrol
4 water water
#
loop_
_entity_poly.entity_id
_entity_poly.type
_entity_poly.pdbx_seq_one_letter_code
_entity_poly.pdbx_strand_id
1 'polypeptide(L)'
;IKRSKKNSLALSLTADQMVSALLDAEPPILYSEYDPTRPFSEASMMGLLTNLADRELVHMINWAKRVPGFVDLTLHDQVH
LLECAWLEILMIGLVWRSMEHPGKLLFAPNLLLDRNQGKCVEGMVEIFDMLLATSSRFRMMNLQGEEFVCLKSIILLNSG
VYTFLSSTLKSLEEKDHIHRVLDKITDTLIHLMAKAGLTLQQQHQRLAQLLLILSHIRHMSNKGMEHLYSMKCKNVVPLS
DLLLEMLDAHRLHAPTS
;
A,B
2 'polypeptide(L)' KHKILHRLLQDSSS C,D
#
# COMPACT_ATOMS: atom_id res chain seq x y z
N ASN A 7 4.67 -4.35 -29.79
CA ASN A 7 4.41 -2.94 -29.52
C ASN A 7 2.94 -2.66 -29.26
N SER A 8 2.66 -1.79 -28.29
CA SER A 8 1.30 -1.52 -27.84
C SER A 8 0.78 -0.16 -28.34
N LEU A 9 -0.51 -0.11 -28.65
CA LEU A 9 -1.16 1.13 -29.06
C LEU A 9 -1.26 2.14 -27.91
N ALA A 10 -1.01 1.66 -26.70
CA ALA A 10 -1.18 2.47 -25.49
C ALA A 10 -0.12 3.56 -25.35
N LEU A 11 1.08 3.32 -25.87
CA LEU A 11 2.19 4.25 -25.71
C LEU A 11 2.04 5.50 -26.57
N SER A 12 1.29 5.38 -27.66
CA SER A 12 1.14 6.48 -28.62
C SER A 12 -0.03 7.39 -28.30
N LEU A 13 -0.83 7.01 -27.31
CA LEU A 13 -1.98 7.82 -26.91
C LEU A 13 -1.55 9.17 -26.33
N THR A 14 -2.36 10.20 -26.54
CA THR A 14 -2.11 11.47 -25.89
C THR A 14 -2.79 11.42 -24.52
N ALA A 15 -2.57 12.45 -23.72
CA ALA A 15 -3.19 12.53 -22.40
C ALA A 15 -4.71 12.63 -22.54
N ASP A 16 -5.17 13.47 -23.46
CA ASP A 16 -6.59 13.59 -23.74
C ASP A 16 -7.18 12.24 -24.13
N GLN A 17 -6.51 11.56 -25.06
CA GLN A 17 -6.95 10.26 -25.53
C GLN A 17 -6.89 9.21 -24.43
N MET A 18 -5.96 9.37 -23.50
CA MET A 18 -5.86 8.47 -22.36
C MET A 18 -7.05 8.67 -21.43
N VAL A 19 -7.36 9.93 -21.12
CA VAL A 19 -8.51 10.26 -20.29
C VAL A 19 -9.82 9.73 -20.88
N SER A 20 -10.00 9.99 -22.17
CA SER A 20 -11.23 9.60 -22.86
C SER A 20 -11.44 8.10 -22.86
N ALA A 21 -10.37 7.35 -23.10
CA ALA A 21 -10.43 5.90 -23.10
C ALA A 21 -10.83 5.37 -21.72
N LEU A 22 -10.22 5.93 -20.67
CA LEU A 22 -10.49 5.51 -19.30
C LEU A 22 -11.90 5.86 -18.85
N LEU A 23 -12.35 7.07 -19.17
CA LEU A 23 -13.72 7.48 -18.87
C LEU A 23 -14.74 6.58 -19.55
N ASP A 24 -14.51 6.31 -20.83
CA ASP A 24 -15.41 5.47 -21.63
C ASP A 24 -15.40 4.01 -21.14
N ALA A 25 -14.37 3.65 -20.38
CA ALA A 25 -14.21 2.28 -19.91
C ALA A 25 -14.93 2.02 -18.59
N GLU A 26 -15.39 3.08 -17.94
CA GLU A 26 -16.02 2.98 -16.63
C GLU A 26 -17.20 1.99 -16.59
N PRO A 27 -17.20 1.13 -15.56
CA PRO A 27 -18.27 0.15 -15.37
C PRO A 27 -19.52 0.80 -14.81
N PRO A 28 -20.68 0.16 -14.99
CA PRO A 28 -21.92 0.75 -14.48
C PRO A 28 -22.03 0.70 -12.97
N ILE A 29 -22.96 1.48 -12.43
CA ILE A 29 -23.25 1.45 -11.01
C ILE A 29 -24.39 0.46 -10.77
N LEU A 30 -24.03 -0.74 -10.31
CA LEU A 30 -25.02 -1.79 -10.10
C LEU A 30 -25.85 -1.55 -8.86
N TYR A 31 -27.00 -2.21 -8.78
CA TYR A 31 -27.90 -2.05 -7.66
C TYR A 31 -27.89 -3.25 -6.73
N SER A 32 -28.36 -3.04 -5.51
CA SER A 32 -28.52 -4.12 -4.55
C SER A 32 -29.99 -4.48 -4.42
N GLU A 33 -30.30 -5.40 -3.51
CA GLU A 33 -31.68 -5.83 -3.28
C GLU A 33 -32.56 -4.68 -2.80
N TYR A 34 -33.82 -4.71 -3.19
CA TYR A 34 -34.75 -3.65 -2.81
C TYR A 34 -35.58 -4.02 -1.57
N ASP A 35 -35.19 -5.09 -0.90
CA ASP A 35 -35.86 -5.52 0.33
C ASP A 35 -35.65 -4.48 1.42
N PRO A 36 -36.72 -3.79 1.84
CA PRO A 36 -36.61 -2.73 2.83
C PRO A 36 -36.67 -3.25 4.27
N THR A 37 -36.45 -4.56 4.44
CA THR A 37 -36.49 -5.15 5.78
C THR A 37 -35.30 -4.69 6.61
N ARG A 38 -35.59 -3.94 7.67
CA ARG A 38 -34.56 -3.38 8.54
C ARG A 38 -34.85 -3.76 9.98
N PRO A 39 -33.80 -3.96 10.79
CA PRO A 39 -32.38 -3.82 10.41
C PRO A 39 -31.79 -5.07 9.77
N PHE A 40 -30.54 -4.97 9.35
CA PHE A 40 -29.84 -6.09 8.74
C PHE A 40 -29.39 -7.08 9.80
N SER A 41 -29.34 -8.35 9.45
CA SER A 41 -28.62 -9.34 10.24
C SER A 41 -27.20 -9.36 9.71
N GLU A 42 -26.31 -10.07 10.39
CA GLU A 42 -24.93 -10.18 9.92
C GLU A 42 -24.88 -10.89 8.56
N ALA A 43 -25.65 -11.97 8.44
CA ALA A 43 -25.66 -12.77 7.23
C ALA A 43 -26.25 -12.04 6.04
N SER A 44 -27.34 -11.30 6.28
CA SER A 44 -28.03 -10.60 5.21
C SER A 44 -27.17 -9.47 4.65
N MET A 45 -26.50 -8.73 5.52
CA MET A 45 -25.63 -7.64 5.10
C MET A 45 -24.44 -8.17 4.30
N MET A 46 -23.80 -9.20 4.84
CA MET A 46 -22.69 -9.87 4.17
C MET A 46 -23.14 -10.45 2.84
N GLY A 47 -24.36 -10.99 2.82
CA GLY A 47 -24.95 -11.51 1.60
C GLY A 47 -25.08 -10.43 0.54
N LEU A 48 -25.52 -9.24 0.94
CA LEU A 48 -25.67 -8.12 0.01
C LEU A 48 -24.33 -7.67 -0.56
N LEU A 49 -23.32 -7.57 0.30
CA LEU A 49 -22.02 -7.05 -0.11
C LEU A 49 -21.30 -8.00 -1.06
N THR A 50 -21.40 -9.29 -0.78
CA THR A 50 -20.70 -10.30 -1.59
C THR A 50 -21.45 -10.56 -2.90
N ASN A 51 -22.77 -10.48 -2.86
CA ASN A 51 -23.58 -10.58 -4.08
C ASN A 51 -23.26 -9.41 -5.01
N LEU A 52 -23.23 -8.21 -4.45
CA LEU A 52 -22.85 -7.03 -5.22
C LEU A 52 -21.44 -7.14 -5.77
N ALA A 53 -20.52 -7.61 -4.92
CA ALA A 53 -19.12 -7.76 -5.32
C ALA A 53 -18.97 -8.77 -6.44
N ASP A 54 -19.75 -9.85 -6.36
CA ASP A 54 -19.76 -10.88 -7.38
C ASP A 54 -20.17 -10.33 -8.75
N ARG A 55 -21.20 -9.50 -8.76
CA ARG A 55 -21.72 -8.95 -10.00
C ARG A 55 -20.82 -7.85 -10.56
N GLU A 56 -20.20 -7.08 -9.67
CA GLU A 56 -19.28 -6.02 -10.08
C GLU A 56 -17.99 -6.56 -10.69
N LEU A 57 -17.60 -7.76 -10.27
CA LEU A 57 -16.38 -8.38 -10.77
C LEU A 57 -16.45 -8.61 -12.27
N VAL A 58 -17.60 -9.09 -12.73
CA VAL A 58 -17.83 -9.34 -14.14
C VAL A 58 -17.63 -8.08 -14.98
N HIS A 59 -18.13 -6.95 -14.49
CA HIS A 59 -17.96 -5.68 -15.19
C HIS A 59 -16.54 -5.15 -15.05
N MET A 60 -15.89 -5.46 -13.93
CA MET A 60 -14.51 -5.08 -13.71
C MET A 60 -13.62 -5.70 -14.77
N ILE A 61 -13.90 -6.95 -15.10
CA ILE A 61 -13.08 -7.72 -16.03
C ILE A 61 -12.96 -7.06 -17.40
N ASN A 62 -14.08 -6.63 -17.98
CA ASN A 62 -14.03 -5.98 -19.28
C ASN A 62 -13.72 -4.48 -19.17
N TRP A 63 -13.79 -3.94 -17.96
CA TRP A 63 -13.24 -2.61 -17.72
C TRP A 63 -11.73 -2.69 -17.87
N ALA A 64 -11.16 -3.71 -17.23
CA ALA A 64 -9.71 -3.96 -17.28
C ALA A 64 -9.23 -4.14 -18.70
N LYS A 65 -9.98 -4.87 -19.51
CA LYS A 65 -9.58 -5.18 -20.87
C LYS A 65 -9.68 -3.93 -21.76
N ARG A 66 -10.26 -2.86 -21.22
CA ARG A 66 -10.35 -1.60 -21.94
C ARG A 66 -9.39 -0.55 -21.37
N VAL A 67 -8.64 -0.93 -20.34
CA VAL A 67 -7.57 -0.09 -19.85
C VAL A 67 -6.39 -0.22 -20.81
N PRO A 68 -5.96 0.92 -21.39
CA PRO A 68 -4.88 0.92 -22.38
C PRO A 68 -3.66 0.17 -21.89
N GLY A 69 -3.19 -0.81 -22.68
CA GLY A 69 -2.04 -1.61 -22.31
C GLY A 69 -2.38 -2.98 -21.73
N PHE A 70 -3.48 -3.06 -21.00
CA PHE A 70 -3.89 -4.31 -20.37
C PHE A 70 -4.14 -5.43 -21.39
N VAL A 71 -4.66 -5.06 -22.56
CA VAL A 71 -4.97 -6.03 -23.61
C VAL A 71 -3.68 -6.68 -24.15
N ASP A 72 -2.56 -5.95 -24.06
CA ASP A 72 -1.29 -6.43 -24.59
C ASP A 72 -0.60 -7.40 -23.63
N LEU A 73 -1.26 -7.67 -22.51
CA LEU A 73 -0.75 -8.62 -21.53
C LEU A 73 -1.24 -10.03 -21.83
N THR A 74 -0.40 -11.02 -21.55
CA THR A 74 -0.80 -12.41 -21.65
C THR A 74 -1.95 -12.68 -20.68
N LEU A 75 -2.68 -13.76 -20.91
CA LEU A 75 -3.82 -14.11 -20.07
C LEU A 75 -3.38 -14.34 -18.62
N HIS A 76 -2.26 -15.03 -18.44
CA HIS A 76 -1.76 -15.33 -17.10
C HIS A 76 -1.42 -14.06 -16.33
N ASP A 77 -0.79 -13.10 -17.00
CA ASP A 77 -0.41 -11.84 -16.38
C ASP A 77 -1.63 -10.99 -16.04
N GLN A 78 -2.63 -11.01 -16.92
CA GLN A 78 -3.89 -10.31 -16.67
C GLN A 78 -4.56 -10.87 -15.42
N VAL A 79 -4.56 -12.20 -15.30
CA VAL A 79 -5.16 -12.88 -14.17
C VAL A 79 -4.48 -12.50 -12.86
N HIS A 80 -3.15 -12.45 -12.87
CA HIS A 80 -2.38 -12.11 -11.68
C HIS A 80 -2.72 -10.71 -11.16
N LEU A 81 -2.80 -9.75 -12.05
CA LEU A 81 -3.09 -8.36 -11.68
C LEU A 81 -4.49 -8.22 -11.08
N LEU A 82 -5.47 -8.84 -11.74
CA LEU A 82 -6.84 -8.79 -11.26
C LEU A 82 -6.99 -9.50 -9.92
N GLU A 83 -6.40 -10.69 -9.82
CA GLU A 83 -6.40 -11.44 -8.56
C GLU A 83 -5.80 -10.63 -7.42
N CYS A 84 -4.77 -9.85 -7.72
CA CYS A 84 -4.08 -9.07 -6.68
C CYS A 84 -4.82 -7.79 -6.31
N ALA A 85 -5.49 -7.18 -7.29
CA ALA A 85 -6.03 -5.83 -7.10
C ALA A 85 -7.56 -5.73 -6.99
N TRP A 86 -8.28 -6.83 -7.19
CA TRP A 86 -9.74 -6.77 -7.36
C TRP A 86 -10.48 -6.12 -6.19
N LEU A 87 -10.05 -6.38 -4.96
CA LEU A 87 -10.72 -5.79 -3.81
C LEU A 87 -10.34 -4.31 -3.65
N GLU A 88 -9.09 -3.99 -3.96
CA GLU A 88 -8.66 -2.58 -3.99
C GLU A 88 -9.55 -1.80 -4.94
N ILE A 89 -9.77 -2.37 -6.12
CA ILE A 89 -10.55 -1.73 -7.18
C ILE A 89 -12.02 -1.56 -6.78
N LEU A 90 -12.58 -2.56 -6.10
CA LEU A 90 -13.92 -2.45 -5.56
C LEU A 90 -13.99 -1.35 -4.51
N MET A 91 -12.94 -1.27 -3.69
CA MET A 91 -12.91 -0.34 -2.58
C MET A 91 -12.78 1.12 -3.03
N ILE A 92 -11.87 1.39 -3.96
CA ILE A 92 -11.68 2.77 -4.41
C ILE A 92 -12.91 3.23 -5.19
N GLY A 93 -13.64 2.28 -5.78
CA GLY A 93 -14.88 2.59 -6.45
C GLY A 93 -15.93 3.01 -5.43
N LEU A 94 -16.02 2.22 -4.37
CA LEU A 94 -16.93 2.50 -3.27
C LEU A 94 -16.65 3.86 -2.63
N VAL A 95 -15.37 4.12 -2.39
CA VAL A 95 -14.94 5.36 -1.77
C VAL A 95 -15.27 6.56 -2.66
N TRP A 96 -15.08 6.38 -3.97
CA TRP A 96 -15.43 7.40 -4.95
C TRP A 96 -16.92 7.72 -4.93
N ARG A 97 -17.75 6.68 -5.03
CA ARG A 97 -19.21 6.83 -5.00
C ARG A 97 -19.70 7.46 -3.69
N SER A 98 -18.94 7.28 -2.63
CA SER A 98 -19.34 7.73 -1.30
C SER A 98 -18.94 9.18 -1.01
N MET A 99 -18.16 9.77 -1.93
CA MET A 99 -17.59 11.11 -1.71
C MET A 99 -18.62 12.16 -1.32
N GLU A 100 -19.73 12.24 -2.06
CA GLU A 100 -20.75 13.25 -1.77
C GLU A 100 -21.69 12.80 -0.63
N HIS A 101 -21.33 11.72 0.04
CA HIS A 101 -22.10 11.23 1.18
C HIS A 101 -21.21 11.11 2.42
N PRO A 102 -20.83 12.25 3.01
CA PRO A 102 -19.81 12.41 4.05
C PRO A 102 -19.83 11.36 5.15
N GLY A 103 -21.01 11.03 5.68
CA GLY A 103 -21.08 10.11 6.79
C GLY A 103 -21.37 8.68 6.41
N LYS A 104 -21.54 8.41 5.12
CA LYS A 104 -22.04 7.10 4.68
C LYS A 104 -21.22 6.46 3.57
N LEU A 105 -21.47 5.17 3.33
CA LEU A 105 -20.83 4.42 2.25
C LEU A 105 -21.85 3.98 1.21
N LEU A 106 -21.73 4.49 -0.01
CA LEU A 106 -22.66 4.14 -1.08
C LEU A 106 -22.23 2.86 -1.80
N PHE A 107 -22.56 1.71 -1.22
CA PHE A 107 -22.28 0.44 -1.86
C PHE A 107 -23.04 0.35 -3.18
N ALA A 108 -24.30 0.81 -3.13
CA ALA A 108 -25.16 0.89 -4.29
C ALA A 108 -26.13 2.06 -4.06
N PRO A 109 -26.76 2.57 -5.12
CA PRO A 109 -27.69 3.70 -4.93
C PRO A 109 -28.81 3.38 -3.94
N ASN A 110 -29.17 2.11 -3.79
CA ASN A 110 -30.19 1.71 -2.83
C ASN A 110 -29.58 1.05 -1.60
N LEU A 111 -28.25 1.03 -1.53
CA LEU A 111 -27.57 0.49 -0.37
C LEU A 111 -26.57 1.51 0.19
N LEU A 112 -27.10 2.48 0.93
CA LEU A 112 -26.29 3.53 1.53
C LEU A 112 -26.17 3.29 3.03
N LEU A 113 -24.99 2.91 3.48
CA LEU A 113 -24.79 2.49 4.87
C LEU A 113 -23.92 3.46 5.65
N ASP A 114 -24.26 3.65 6.93
CA ASP A 114 -23.44 4.47 7.82
C ASP A 114 -22.51 3.59 8.63
N ARG A 115 -21.70 4.23 9.42
CA ARG A 115 -20.70 3.55 10.16
C ARG A 115 -21.33 2.58 11.12
N ASN A 116 -22.36 3.03 11.83
CA ASN A 116 -23.07 2.25 12.83
C ASN A 116 -23.65 0.94 12.28
N GLN A 117 -24.00 0.95 10.99
CA GLN A 117 -24.54 -0.25 10.37
C GLN A 117 -23.42 -1.26 10.13
N GLY A 118 -22.17 -0.80 10.15
CA GLY A 118 -21.03 -1.70 10.05
C GLY A 118 -20.93 -2.62 11.26
N LYS A 119 -21.55 -2.21 12.37
CA LYS A 119 -21.51 -2.97 13.61
C LYS A 119 -22.37 -4.23 13.57
N CYS A 120 -23.23 -4.33 12.56
CA CYS A 120 -24.10 -5.49 12.41
C CYS A 120 -23.31 -6.70 11.92
N VAL A 121 -22.10 -6.44 11.43
CA VAL A 121 -21.18 -7.50 11.06
C VAL A 121 -19.93 -7.34 11.91
N GLU A 122 -19.46 -8.42 12.53
CA GLU A 122 -18.31 -8.32 13.43
C GLU A 122 -17.03 -8.06 12.64
N GLY A 123 -16.24 -7.10 13.12
CA GLY A 123 -14.98 -6.76 12.49
C GLY A 123 -15.13 -5.89 11.26
N MET A 124 -16.37 -5.53 10.95
CA MET A 124 -16.67 -4.74 9.76
C MET A 124 -16.59 -3.23 10.03
N VAL A 125 -16.88 -2.84 11.27
CA VAL A 125 -16.91 -1.43 11.63
C VAL A 125 -15.53 -0.79 11.45
N GLU A 126 -14.47 -1.56 11.72
CA GLU A 126 -13.10 -1.07 11.56
C GLU A 126 -12.80 -0.82 10.10
N ILE A 127 -13.41 -1.62 9.23
CA ILE A 127 -13.24 -1.47 7.79
C ILE A 127 -14.03 -0.27 7.28
N PHE A 128 -15.26 -0.12 7.80
CA PHE A 128 -16.09 1.04 7.48
C PHE A 128 -15.36 2.34 7.78
N ASP A 129 -14.70 2.39 8.94
CA ASP A 129 -13.99 3.58 9.39
C ASP A 129 -12.86 3.99 8.46
N MET A 130 -12.09 3.01 8.01
CA MET A 130 -10.98 3.27 7.11
C MET A 130 -11.49 3.76 5.76
N LEU A 131 -12.53 3.11 5.26
CA LEU A 131 -13.15 3.50 3.99
C LEU A 131 -13.72 4.92 4.05
N LEU A 132 -14.43 5.23 5.13
CA LEU A 132 -14.99 6.55 5.33
C LEU A 132 -13.89 7.61 5.38
N ALA A 133 -12.80 7.28 6.07
CA ALA A 133 -11.66 8.19 6.19
C ALA A 133 -11.03 8.45 4.82
N THR A 134 -10.95 7.40 4.01
CA THR A 134 -10.45 7.55 2.65
C THR A 134 -11.39 8.42 1.84
N SER A 135 -12.70 8.23 2.06
CA SER A 135 -13.72 8.96 1.33
C SER A 135 -13.67 10.45 1.65
N SER A 136 -13.60 10.78 2.93
CA SER A 136 -13.49 12.16 3.36
C SER A 136 -12.22 12.79 2.80
N ARG A 137 -11.15 12.01 2.79
CA ARG A 137 -9.88 12.45 2.22
C ARG A 137 -10.04 12.84 0.75
N PHE A 138 -10.65 11.96 -0.03
CA PHE A 138 -10.96 12.25 -1.43
C PHE A 138 -11.83 13.49 -1.56
N ARG A 139 -12.71 13.70 -0.58
CA ARG A 139 -13.61 14.85 -0.63
C ARG A 139 -12.86 16.14 -0.37
N MET A 140 -12.01 16.15 0.65
CA MET A 140 -11.25 17.35 1.00
C MET A 140 -10.29 17.73 -0.13
N MET A 141 -9.70 16.72 -0.76
CA MET A 141 -8.78 16.95 -1.87
C MET A 141 -9.51 17.39 -3.14
N ASN A 142 -10.84 17.31 -3.11
CA ASN A 142 -11.68 17.62 -4.27
C ASN A 142 -11.28 16.75 -5.46
N LEU A 143 -11.22 15.44 -5.24
CA LEU A 143 -10.83 14.49 -6.28
C LEU A 143 -11.78 14.58 -7.47
N GLN A 144 -11.21 14.66 -8.66
CA GLN A 144 -12.03 14.73 -9.88
C GLN A 144 -12.17 13.35 -10.50
N GLY A 145 -13.26 13.15 -11.25
CA GLY A 145 -13.53 11.89 -11.92
C GLY A 145 -12.38 11.41 -12.80
N GLU A 146 -11.79 12.34 -13.53
CA GLU A 146 -10.67 12.04 -14.42
C GLU A 146 -9.44 11.56 -13.65
N GLU A 147 -9.26 12.09 -12.43
CA GLU A 147 -8.18 11.64 -11.57
C GLU A 147 -8.48 10.27 -11.01
N PHE A 148 -9.73 10.08 -10.58
CA PHE A 148 -10.19 8.82 -10.00
C PHE A 148 -9.89 7.63 -10.91
N VAL A 149 -10.32 7.72 -12.17
CA VAL A 149 -10.14 6.63 -13.11
C VAL A 149 -8.65 6.37 -13.40
N CYS A 150 -7.84 7.41 -13.31
CA CYS A 150 -6.40 7.25 -13.45
C CYS A 150 -5.83 6.41 -12.30
N LEU A 151 -6.25 6.75 -11.08
CA LEU A 151 -5.79 6.02 -9.89
C LEU A 151 -6.24 4.57 -9.88
N LYS A 152 -7.46 4.32 -10.34
CA LYS A 152 -8.02 2.97 -10.32
C LYS A 152 -7.29 2.03 -11.27
N SER A 153 -6.98 2.54 -12.47
CA SER A 153 -6.21 1.76 -13.44
C SER A 153 -4.78 1.55 -12.94
N ILE A 154 -4.23 2.54 -12.25
CA ILE A 154 -2.91 2.42 -11.64
C ILE A 154 -2.88 1.25 -10.68
N ILE A 155 -3.89 1.16 -9.83
CA ILE A 155 -4.05 0.03 -8.91
C ILE A 155 -4.04 -1.31 -9.65
N LEU A 156 -4.76 -1.36 -10.77
CA LEU A 156 -4.84 -2.56 -11.59
C LEU A 156 -3.47 -3.01 -12.08
N LEU A 157 -2.68 -2.06 -12.59
CA LEU A 157 -1.40 -2.38 -13.19
C LEU A 157 -0.26 -2.51 -12.18
N ASN A 158 -0.40 -1.85 -11.03
CA ASN A 158 0.71 -1.78 -10.09
C ASN A 158 0.70 -2.82 -8.97
N SER A 159 -0.49 -3.17 -8.48
CA SER A 159 -0.60 -3.97 -7.26
C SER A 159 0.07 -5.34 -7.36
N GLY A 160 0.06 -5.94 -8.55
CA GLY A 160 0.63 -7.26 -8.73
C GLY A 160 1.95 -7.28 -9.50
N VAL A 161 2.46 -6.09 -9.85
CA VAL A 161 3.60 -6.00 -10.74
C VAL A 161 4.90 -6.55 -10.12
N TYR A 162 4.96 -6.68 -8.79
CA TYR A 162 6.18 -7.19 -8.16
C TYR A 162 6.00 -8.57 -7.54
N THR A 163 4.85 -9.18 -7.79
CA THR A 163 4.59 -10.54 -7.34
C THR A 163 4.64 -11.50 -8.52
N PHE A 164 5.17 -11.01 -9.65
CA PHE A 164 5.34 -11.83 -10.84
C PHE A 164 6.49 -12.82 -10.65
N LYS A 175 11.01 -0.10 -18.05
CA LYS A 175 11.68 -0.90 -19.05
C LYS A 175 10.99 -2.26 -19.23
N ASP A 176 9.70 -2.29 -18.90
CA ASP A 176 8.83 -3.39 -19.29
C ASP A 176 7.48 -2.75 -19.57
N HIS A 177 6.56 -3.48 -20.20
CA HIS A 177 5.33 -2.87 -20.69
C HIS A 177 4.50 -2.15 -19.63
N ILE A 178 4.22 -2.83 -18.53
CA ILE A 178 3.35 -2.31 -17.48
C ILE A 178 3.87 -1.00 -16.90
N HIS A 179 5.17 -0.94 -16.62
CA HIS A 179 5.77 0.28 -16.08
C HIS A 179 5.73 1.42 -17.07
N ARG A 180 5.90 1.12 -18.35
CA ARG A 180 5.79 2.14 -19.39
C ARG A 180 4.36 2.69 -19.45
N VAL A 181 3.38 1.82 -19.25
CA VAL A 181 1.98 2.23 -19.25
C VAL A 181 1.65 2.99 -17.97
N LEU A 182 2.25 2.57 -16.86
CA LEU A 182 2.11 3.29 -15.60
C LEU A 182 2.66 4.71 -15.73
N ASP A 183 3.81 4.85 -16.39
CA ASP A 183 4.41 6.15 -16.63
C ASP A 183 3.47 7.03 -17.46
N LYS A 184 2.78 6.39 -18.41
CA LYS A 184 1.80 7.07 -19.24
C LYS A 184 0.67 7.66 -18.40
N ILE A 185 0.13 6.86 -17.48
CA ILE A 185 -0.97 7.29 -16.63
C ILE A 185 -0.51 8.43 -15.71
N THR A 186 0.74 8.36 -15.27
CA THR A 186 1.34 9.44 -14.48
C THR A 186 1.35 10.74 -15.27
N ASP A 187 1.80 10.66 -16.52
CA ASP A 187 1.81 11.83 -17.41
C ASP A 187 0.41 12.40 -17.58
N THR A 188 -0.58 11.50 -17.61
CA THR A 188 -1.97 11.91 -17.79
C THR A 188 -2.46 12.67 -16.57
N LEU A 189 -2.10 12.18 -15.38
CA LEU A 189 -2.46 12.84 -14.13
C LEU A 189 -1.89 14.23 -14.03
N ILE A 190 -0.61 14.37 -14.39
CA ILE A 190 0.05 15.66 -14.42
C ILE A 190 -0.63 16.60 -15.41
N HIS A 191 -0.99 16.07 -16.57
CA HIS A 191 -1.66 16.85 -17.61
C HIS A 191 -3.00 17.40 -17.11
N LEU A 192 -3.74 16.56 -16.40
CA LEU A 192 -5.02 16.97 -15.81
C LEU A 192 -4.84 18.10 -14.82
N MET A 193 -3.84 17.97 -13.96
CA MET A 193 -3.58 18.95 -12.91
C MET A 193 -3.07 20.29 -13.47
N ALA A 194 -2.29 20.23 -14.54
CA ALA A 194 -1.86 21.44 -15.22
C ALA A 194 -3.06 22.12 -15.87
N LYS A 195 -3.91 21.29 -16.48
CA LYS A 195 -5.12 21.77 -17.14
C LYS A 195 -6.09 22.39 -16.14
N ALA A 196 -6.02 21.94 -14.88
CA ALA A 196 -6.86 22.47 -13.82
C ALA A 196 -6.26 23.73 -13.21
N GLY A 197 -5.06 24.11 -13.66
CA GLY A 197 -4.47 25.38 -13.29
C GLY A 197 -3.48 25.34 -12.15
N LEU A 198 -3.11 24.14 -11.70
CA LEU A 198 -2.14 24.01 -10.62
C LEU A 198 -0.73 24.35 -11.09
N THR A 199 0.05 24.97 -10.21
CA THR A 199 1.46 25.19 -10.47
C THR A 199 2.20 23.86 -10.51
N LEU A 200 3.43 23.88 -11.03
CA LEU A 200 4.26 22.68 -11.05
C LEU A 200 4.40 22.06 -9.66
N GLN A 201 4.76 22.90 -8.69
CA GLN A 201 4.89 22.45 -7.30
C GLN A 201 3.59 21.82 -6.81
N GLN A 202 2.48 22.51 -7.07
CA GLN A 202 1.17 22.00 -6.70
C GLN A 202 0.87 20.69 -7.42
N GLN A 203 1.32 20.59 -8.66
CA GLN A 203 1.06 19.40 -9.46
C GLN A 203 1.71 18.15 -8.87
N HIS A 204 3.01 18.20 -8.59
CA HIS A 204 3.68 17.02 -8.06
C HIS A 204 3.32 16.78 -6.60
N GLN A 205 2.92 17.83 -5.90
CA GLN A 205 2.47 17.68 -4.53
C GLN A 205 1.15 16.91 -4.51
N ARG A 206 0.23 17.28 -5.38
CA ARG A 206 -1.06 16.61 -5.46
C ARG A 206 -0.88 15.18 -5.97
N LEU A 207 0.02 15.00 -6.93
CA LEU A 207 0.34 13.67 -7.44
C LEU A 207 0.79 12.76 -6.31
N ALA A 208 1.71 13.26 -5.49
CA ALA A 208 2.22 12.51 -4.36
C ALA A 208 1.12 12.15 -3.38
N GLN A 209 0.33 13.15 -3.01
CA GLN A 209 -0.79 12.96 -2.07
C GLN A 209 -1.72 11.84 -2.52
N LEU A 210 -2.03 11.81 -3.81
CA LEU A 210 -2.95 10.81 -4.35
C LEU A 210 -2.34 9.41 -4.33
N LEU A 211 -1.07 9.31 -4.70
CA LEU A 211 -0.43 8.01 -4.77
C LEU A 211 -0.24 7.41 -3.37
N LEU A 212 -0.06 8.26 -2.37
CA LEU A 212 0.09 7.79 -0.99
C LEU A 212 -1.22 7.20 -0.47
N ILE A 213 -2.34 7.72 -0.97
CA ILE A 213 -3.65 7.15 -0.66
C ILE A 213 -3.70 5.67 -1.05
N LEU A 214 -3.07 5.34 -2.18
CA LEU A 214 -3.04 3.97 -2.68
C LEU A 214 -2.41 3.02 -1.67
N SER A 215 -1.49 3.53 -0.87
CA SER A 215 -0.88 2.72 0.19
C SER A 215 -1.92 2.32 1.22
N HIS A 216 -2.82 3.25 1.54
CA HIS A 216 -3.86 2.99 2.52
CA HIS A 216 -3.88 3.01 2.52
C HIS A 216 -4.94 2.08 1.95
N ILE A 217 -5.29 2.28 0.69
CA ILE A 217 -6.25 1.44 0.00
C ILE A 217 -5.74 0.00 -0.04
N ARG A 218 -4.43 -0.16 -0.23
CA ARG A 218 -3.79 -1.46 -0.16
C ARG A 218 -3.97 -2.08 1.23
N HIS A 219 -3.80 -1.26 2.25
CA HIS A 219 -3.96 -1.67 3.65
C HIS A 219 -5.39 -2.15 3.90
N MET A 220 -6.35 -1.34 3.46
CA MET A 220 -7.76 -1.68 3.63
C MET A 220 -8.12 -3.00 2.95
N SER A 221 -7.59 -3.19 1.75
CA SER A 221 -7.81 -4.42 1.00
C SER A 221 -7.33 -5.65 1.77
N ASN A 222 -6.17 -5.53 2.40
CA ASN A 222 -5.62 -6.64 3.18
C ASN A 222 -6.45 -6.94 4.42
N LYS A 223 -7.01 -5.89 5.02
CA LYS A 223 -7.94 -6.08 6.13
C LYS A 223 -9.21 -6.75 5.62
N GLY A 224 -9.77 -6.21 4.53
CA GLY A 224 -10.98 -6.75 3.94
C GLY A 224 -10.82 -8.18 3.45
N MET A 225 -9.66 -8.48 2.88
CA MET A 225 -9.38 -9.83 2.39
C MET A 225 -9.38 -10.82 3.55
N GLU A 226 -8.77 -10.42 4.66
CA GLU A 226 -8.75 -11.24 5.86
C GLU A 226 -10.16 -11.41 6.43
N HIS A 227 -10.93 -10.34 6.43
CA HIS A 227 -12.29 -10.37 6.94
C HIS A 227 -13.19 -11.28 6.10
N LEU A 228 -12.99 -11.23 4.78
CA LEU A 228 -13.75 -12.05 3.86
C LEU A 228 -13.45 -13.53 4.08
N TYR A 229 -12.17 -13.83 4.30
CA TYR A 229 -11.71 -15.19 4.57
C TYR A 229 -12.37 -15.75 5.83
N SER A 230 -12.51 -14.91 6.85
CA SER A 230 -13.07 -15.32 8.12
C SER A 230 -14.56 -15.64 8.00
N MET A 231 -15.27 -14.85 7.21
CA MET A 231 -16.69 -15.09 6.96
C MET A 231 -16.88 -16.35 6.13
N LYS A 232 -15.89 -16.63 5.28
CA LYS A 232 -15.86 -17.87 4.52
C LYS A 232 -15.75 -19.07 5.47
N CYS A 233 -14.88 -18.95 6.47
CA CYS A 233 -14.72 -20.00 7.47
C CYS A 233 -15.92 -20.05 8.42
N LYS A 234 -16.51 -18.88 8.68
CA LYS A 234 -17.70 -18.79 9.53
C LYS A 234 -18.91 -19.39 8.81
N ASN A 235 -18.81 -19.52 7.50
CA ASN A 235 -19.88 -20.05 6.65
C ASN A 235 -21.19 -19.28 6.77
N VAL A 236 -21.10 -18.03 7.22
CA VAL A 236 -22.27 -17.17 7.33
C VAL A 236 -22.86 -16.90 5.95
N VAL A 237 -22.04 -16.33 5.06
CA VAL A 237 -22.48 -15.97 3.73
C VAL A 237 -22.07 -17.03 2.71
N PRO A 238 -23.02 -17.47 1.88
CA PRO A 238 -22.68 -18.31 0.73
C PRO A 238 -21.90 -17.50 -0.29
N LEU A 239 -20.63 -17.85 -0.51
CA LEU A 239 -19.78 -17.12 -1.42
C LEU A 239 -19.73 -17.78 -2.79
N SER A 240 -19.81 -16.98 -3.84
CA SER A 240 -19.77 -17.50 -5.21
C SER A 240 -18.43 -18.13 -5.53
N ASP A 241 -18.41 -19.04 -6.49
CA ASP A 241 -17.18 -19.72 -6.88
C ASP A 241 -16.15 -18.76 -7.44
N LEU A 242 -16.61 -17.78 -8.21
CA LEU A 242 -15.73 -16.73 -8.71
C LEU A 242 -15.07 -16.01 -7.54
N LEU A 243 -15.89 -15.58 -6.58
CA LEU A 243 -15.41 -14.83 -5.42
C LEU A 243 -14.45 -15.67 -4.57
N LEU A 244 -14.73 -16.97 -4.47
CA LEU A 244 -13.88 -17.87 -3.70
C LEU A 244 -12.51 -18.03 -4.36
N GLU A 245 -12.50 -18.12 -5.68
CA GLU A 245 -11.25 -18.24 -6.43
C GLU A 245 -10.42 -16.96 -6.35
N MET A 246 -11.10 -15.82 -6.33
CA MET A 246 -10.42 -14.53 -6.18
C MET A 246 -9.81 -14.41 -4.80
N LEU A 247 -10.48 -15.01 -3.81
CA LEU A 247 -10.01 -15.00 -2.43
C LEU A 247 -8.86 -15.98 -2.24
N ASP A 248 -8.88 -17.07 -2.97
CA ASP A 248 -7.84 -18.09 -2.89
C ASP A 248 -6.51 -17.63 -3.43
N ALA A 249 -6.54 -16.62 -4.25
CA ALA A 249 -5.31 -16.08 -4.84
C ALA A 249 -4.42 -15.41 -3.81
N HIS A 250 -5.01 -14.96 -2.70
CA HIS A 250 -4.25 -14.24 -1.68
C HIS A 250 -3.77 -15.18 -0.59
N ARG A 251 -4.30 -16.41 -0.61
CA ARG A 251 -3.71 -17.58 0.04
C ARG A 251 -3.36 -17.44 1.53
N LEU A 252 -4.35 -17.21 2.36
CA LEU A 252 -4.20 -17.43 3.79
C LEU A 252 -4.97 -18.68 4.20
N SER B 8 6.38 25.26 14.19
CA SER B 8 7.17 24.21 13.54
C SER B 8 8.26 24.80 12.65
N LEU B 9 9.48 24.35 12.84
CA LEU B 9 10.62 24.84 12.07
C LEU B 9 10.96 23.92 10.91
N ALA B 10 10.11 22.92 10.67
CA ALA B 10 10.34 21.96 9.61
C ALA B 10 9.83 22.49 8.27
N LEU B 11 8.90 23.43 8.33
CA LEU B 11 8.29 24.01 7.13
C LEU B 11 9.19 25.02 6.46
N SER B 12 10.20 25.50 7.19
CA SER B 12 11.08 26.55 6.68
C SER B 12 12.42 25.99 6.19
N LEU B 13 12.52 24.67 6.12
CA LEU B 13 13.74 24.03 5.66
C LEU B 13 13.84 24.01 4.14
N THR B 14 14.98 24.42 3.59
CA THR B 14 15.21 24.25 2.17
C THR B 14 15.38 22.77 1.89
N ALA B 15 15.29 22.38 0.62
CA ALA B 15 15.36 20.97 0.25
C ALA B 15 16.73 20.39 0.57
N ASP B 16 17.78 21.20 0.41
CA ASP B 16 19.14 20.80 0.79
C ASP B 16 19.20 20.47 2.27
N GLN B 17 18.60 21.34 3.09
CA GLN B 17 18.58 21.17 4.53
C GLN B 17 17.75 19.95 4.95
N MET B 18 16.64 19.72 4.25
CA MET B 18 15.81 18.55 4.49
C MET B 18 16.62 17.27 4.29
N VAL B 19 17.33 17.21 3.16
CA VAL B 19 18.18 16.05 2.85
C VAL B 19 19.29 15.88 3.89
N SER B 20 19.97 16.97 4.23
CA SER B 20 21.05 16.91 5.20
C SER B 20 20.56 16.36 6.54
N ALA B 21 19.44 16.90 7.02
CA ALA B 21 18.88 16.48 8.30
C ALA B 21 18.55 14.99 8.31
N LEU B 22 17.88 14.55 7.25
CA LEU B 22 17.48 13.14 7.11
C LEU B 22 18.70 12.22 7.08
N LEU B 23 19.69 12.58 6.27
CA LEU B 23 20.91 11.78 6.15
C LEU B 23 21.62 11.68 7.50
N ASP B 24 21.74 12.83 8.17
CA ASP B 24 22.41 12.91 9.45
C ASP B 24 21.72 12.09 10.53
N ALA B 25 20.40 11.94 10.40
CA ALA B 25 19.61 11.25 11.42
C ALA B 25 19.64 9.74 11.26
N GLU B 26 20.23 9.27 10.16
CA GLU B 26 20.25 7.84 9.84
C GLU B 26 20.76 6.96 10.98
N PRO B 27 20.02 5.89 11.29
CA PRO B 27 20.42 4.94 12.32
C PRO B 27 21.57 4.07 11.84
N PRO B 28 22.28 3.42 12.76
CA PRO B 28 23.39 2.55 12.33
C PRO B 28 22.91 1.21 11.80
N ILE B 29 23.80 0.51 11.11
CA ILE B 29 23.51 -0.84 10.63
C ILE B 29 23.90 -1.84 11.70
N LEU B 30 22.91 -2.36 12.41
CA LEU B 30 23.17 -3.25 13.54
C LEU B 30 23.58 -4.64 13.08
N TYR B 31 24.37 -5.31 13.91
CA TYR B 31 24.76 -6.69 13.64
C TYR B 31 23.78 -7.64 14.30
N SER B 32 23.72 -8.86 13.76
CA SER B 32 22.89 -9.91 14.32
C SER B 32 23.69 -10.76 15.31
N GLU B 33 23.00 -11.45 16.20
CA GLU B 33 23.66 -12.36 17.14
C GLU B 33 23.90 -13.72 16.50
N TYR B 34 24.19 -13.70 15.21
CA TYR B 34 24.35 -14.92 14.41
C TYR B 34 25.57 -15.73 14.84
N ASP B 35 25.34 -17.01 15.13
CA ASP B 35 26.41 -17.95 15.36
C ASP B 35 26.48 -18.93 14.18
N PRO B 36 27.45 -18.73 13.28
CA PRO B 36 27.61 -19.51 12.04
C PRO B 36 27.65 -21.02 12.29
N THR B 37 28.21 -21.42 13.43
CA THR B 37 28.30 -22.84 13.77
C THR B 37 26.92 -23.43 14.03
N ARG B 38 26.02 -22.63 14.57
CA ARG B 38 24.68 -23.10 14.91
C ARG B 38 23.86 -23.36 13.66
N PRO B 39 23.49 -24.63 13.44
CA PRO B 39 22.63 -24.99 12.31
C PRO B 39 21.27 -24.31 12.39
N PHE B 40 20.80 -23.78 11.28
CA PHE B 40 19.57 -23.01 11.22
C PHE B 40 18.32 -23.84 11.51
N SER B 41 17.73 -23.63 12.67
CA SER B 41 16.39 -24.13 12.95
C SER B 41 15.41 -22.99 12.69
N GLU B 42 14.13 -23.32 12.59
CA GLU B 42 13.11 -22.29 12.43
C GLU B 42 13.13 -21.33 13.62
N ALA B 43 13.19 -21.91 14.82
CA ALA B 43 13.19 -21.13 16.06
C ALA B 43 14.42 -20.23 16.17
N SER B 44 15.57 -20.73 15.76
CA SER B 44 16.81 -19.96 15.83
C SER B 44 16.79 -18.81 14.82
N MET B 45 16.33 -19.09 13.60
CA MET B 45 16.25 -18.06 12.57
C MET B 45 15.26 -16.96 12.95
N MET B 46 14.10 -17.36 13.45
CA MET B 46 13.10 -16.41 13.90
C MET B 46 13.63 -15.60 15.08
N GLY B 47 14.39 -16.26 15.95
CA GLY B 47 15.03 -15.61 17.07
C GLY B 47 15.97 -14.51 16.62
N LEU B 48 16.76 -14.81 15.59
CA LEU B 48 17.69 -13.84 15.03
C LEU B 48 16.97 -12.62 14.44
N LEU B 49 15.88 -12.88 13.73
CA LEU B 49 15.14 -11.80 13.06
C LEU B 49 14.46 -10.88 14.06
N THR B 50 13.79 -11.46 15.06
CA THR B 50 13.04 -10.68 16.03
C THR B 50 13.97 -9.96 17.00
N ASN B 51 15.08 -10.60 17.35
CA ASN B 51 16.08 -9.99 18.22
C ASN B 51 16.71 -8.77 17.55
N LEU B 52 16.95 -8.90 16.24
CA LEU B 52 17.48 -7.80 15.46
C LEU B 52 16.49 -6.65 15.40
N ALA B 53 15.23 -6.99 15.13
CA ALA B 53 14.15 -6.01 15.07
C ALA B 53 14.06 -5.23 16.38
N ASP B 54 14.11 -5.97 17.49
CA ASP B 54 14.02 -5.40 18.83
C ASP B 54 15.07 -4.32 19.06
N ARG B 55 16.31 -4.60 18.69
CA ARG B 55 17.40 -3.63 18.86
C ARG B 55 17.28 -2.50 17.83
N GLU B 56 16.67 -2.78 16.68
CA GLU B 56 16.48 -1.77 15.65
C GLU B 56 15.36 -0.79 16.00
N LEU B 57 14.37 -1.26 16.74
CA LEU B 57 13.25 -0.40 17.14
C LEU B 57 13.74 0.78 17.97
N VAL B 58 14.63 0.51 18.91
CA VAL B 58 15.16 1.57 19.78
C VAL B 58 15.88 2.66 18.99
N HIS B 59 16.68 2.26 18.00
CA HIS B 59 17.33 3.25 17.14
C HIS B 59 16.31 3.95 16.25
N MET B 60 15.26 3.23 15.89
CA MET B 60 14.20 3.80 15.06
C MET B 60 13.48 4.91 15.80
N ILE B 61 13.16 4.65 17.07
CA ILE B 61 12.49 5.63 17.92
C ILE B 61 13.25 6.96 17.94
N ASN B 62 14.57 6.88 18.14
CA ASN B 62 15.42 8.07 18.24
CA ASN B 62 15.37 8.10 18.24
C ASN B 62 15.66 8.70 16.86
N TRP B 63 15.46 7.90 15.82
CA TRP B 63 15.58 8.38 14.46
C TRP B 63 14.36 9.22 14.09
N ALA B 64 13.18 8.70 14.43
CA ALA B 64 11.92 9.36 14.12
C ALA B 64 11.83 10.74 14.77
N LYS B 65 12.40 10.86 15.96
CA LYS B 65 12.41 12.14 16.67
C LYS B 65 13.22 13.19 15.94
N ARG B 66 14.12 12.75 15.07
CA ARG B 66 14.98 13.66 14.32
C ARG B 66 14.45 13.87 12.90
N VAL B 67 13.34 13.22 12.57
CA VAL B 67 12.65 13.47 11.32
C VAL B 67 11.90 14.79 11.46
N PRO B 68 12.26 15.79 10.64
CA PRO B 68 11.67 17.14 10.75
C PRO B 68 10.15 17.12 10.69
N GLY B 69 9.51 17.56 11.77
CA GLY B 69 8.05 17.59 11.84
C GLY B 69 7.47 16.62 12.85
N PHE B 70 8.13 15.47 13.01
CA PHE B 70 7.64 14.42 13.91
C PHE B 70 7.61 14.88 15.36
N VAL B 71 8.58 15.70 15.73
CA VAL B 71 8.70 16.21 17.10
C VAL B 71 7.53 17.13 17.45
N ASP B 72 7.03 17.87 16.46
CA ASP B 72 5.94 18.82 16.67
C ASP B 72 4.62 18.13 16.99
N LEU B 73 4.54 16.84 16.71
CA LEU B 73 3.34 16.07 16.98
C LEU B 73 3.22 15.74 18.46
N THR B 74 1.99 15.46 18.90
CA THR B 74 1.75 15.06 20.28
C THR B 74 2.29 13.66 20.53
N LEU B 75 2.35 13.25 21.79
CA LEU B 75 2.97 11.97 22.13
C LEU B 75 2.10 10.80 21.65
N HIS B 76 0.78 10.92 21.82
CA HIS B 76 -0.14 9.90 21.35
C HIS B 76 -0.06 9.68 19.84
N ASP B 77 0.12 10.77 19.10
CA ASP B 77 0.24 10.69 17.64
C ASP B 77 1.57 10.11 17.20
N GLN B 78 2.63 10.46 17.94
CA GLN B 78 3.95 9.90 17.68
C GLN B 78 3.92 8.38 17.86
N VAL B 79 3.27 7.94 18.93
CA VAL B 79 3.07 6.52 19.20
C VAL B 79 2.32 5.83 18.07
N HIS B 80 1.22 6.46 17.63
CA HIS B 80 0.37 5.89 16.59
C HIS B 80 1.13 5.64 15.28
N LEU B 81 1.91 6.64 14.85
CA LEU B 81 2.64 6.56 13.60
C LEU B 81 3.68 5.44 13.59
N LEU B 82 4.43 5.32 14.69
CA LEU B 82 5.46 4.30 14.80
C LEU B 82 4.84 2.91 14.90
N GLU B 83 3.72 2.81 15.60
CA GLU B 83 3.01 1.55 15.73
C GLU B 83 2.56 1.02 14.38
N CYS B 84 2.09 1.91 13.52
CA CYS B 84 1.60 1.52 12.20
C CYS B 84 2.72 1.19 11.21
N ALA B 85 3.81 1.95 11.30
CA ALA B 85 4.81 1.96 10.23
C ALA B 85 6.12 1.22 10.55
N TRP B 86 6.26 0.70 11.77
CA TRP B 86 7.57 0.19 12.20
C TRP B 86 8.10 -0.96 11.35
N LEU B 87 7.23 -1.89 10.98
CA LEU B 87 7.68 -3.02 10.15
C LEU B 87 7.97 -2.55 8.72
N GLU B 88 7.17 -1.60 8.24
CA GLU B 88 7.43 -0.98 6.93
C GLU B 88 8.82 -0.35 6.89
N ILE B 89 9.17 0.34 7.97
CA ILE B 89 10.44 1.04 8.06
C ILE B 89 11.60 0.05 8.20
N LEU B 90 11.37 -1.03 8.93
CA LEU B 90 12.35 -2.11 9.02
C LEU B 90 12.58 -2.75 7.65
N MET B 91 11.49 -2.90 6.91
CA MET B 91 11.54 -3.59 5.62
C MET B 91 12.20 -2.77 4.53
N ILE B 92 11.89 -1.48 4.45
CA ILE B 92 12.49 -0.63 3.43
C ILE B 92 13.98 -0.46 3.73
N GLY B 93 14.34 -0.55 5.00
CA GLY B 93 15.73 -0.53 5.40
C GLY B 93 16.44 -1.77 4.90
N LEU B 94 15.83 -2.92 5.15
CA LEU B 94 16.36 -4.21 4.69
C LEU B 94 16.54 -4.25 3.19
N VAL B 95 15.49 -3.84 2.48
CA VAL B 95 15.51 -3.82 1.02
C VAL B 95 16.64 -2.94 0.51
N TRP B 96 16.80 -1.78 1.13
CA TRP B 96 17.88 -0.85 0.78
C TRP B 96 19.26 -1.44 1.01
N ARG B 97 19.45 -2.11 2.16
CA ARG B 97 20.73 -2.72 2.48
C ARG B 97 21.07 -3.88 1.55
N SER B 98 20.05 -4.46 0.91
CA SER B 98 20.22 -5.65 0.11
C SER B 98 20.33 -5.36 -1.38
N MET B 99 20.36 -4.08 -1.73
CA MET B 99 20.30 -3.65 -3.13
C MET B 99 21.32 -4.32 -4.05
N GLU B 100 22.58 -4.36 -3.60
CA GLU B 100 23.64 -4.95 -4.41
C GLU B 100 23.97 -6.36 -3.95
N HIS B 101 23.01 -7.03 -3.32
CA HIS B 101 23.14 -8.45 -3.01
C HIS B 101 21.97 -9.22 -3.63
N PRO B 102 21.98 -9.34 -4.98
CA PRO B 102 20.86 -9.97 -5.68
C PRO B 102 20.65 -11.41 -5.23
N GLY B 103 19.38 -11.78 -5.02
CA GLY B 103 19.05 -13.10 -4.53
C GLY B 103 19.30 -13.24 -3.04
N LYS B 104 19.64 -12.13 -2.39
CA LYS B 104 19.96 -12.16 -0.96
C LYS B 104 19.40 -10.96 -0.19
N LEU B 105 19.01 -11.21 1.04
CA LEU B 105 18.55 -10.18 1.95
C LEU B 105 19.56 -9.97 3.07
N LEU B 106 20.15 -8.77 3.14
CA LEU B 106 21.13 -8.46 4.17
C LEU B 106 20.42 -7.93 5.41
N PHE B 107 19.89 -8.84 6.23
CA PHE B 107 19.27 -8.46 7.49
C PHE B 107 20.28 -7.73 8.37
N ALA B 108 21.52 -8.23 8.34
CA ALA B 108 22.64 -7.64 9.04
C ALA B 108 23.90 -7.99 8.24
N PRO B 109 25.00 -7.23 8.43
CA PRO B 109 26.24 -7.55 7.70
C PRO B 109 26.66 -9.02 7.85
N ASN B 110 26.39 -9.61 9.01
CA ASN B 110 26.75 -11.00 9.25
C ASN B 110 25.58 -11.95 9.02
N LEU B 111 24.41 -11.40 8.73
CA LEU B 111 23.24 -12.24 8.47
C LEU B 111 22.69 -12.01 7.07
N LEU B 112 23.30 -12.68 6.10
CA LEU B 112 22.90 -12.58 4.70
C LEU B 112 22.17 -13.85 4.30
N LEU B 113 20.88 -13.72 3.97
CA LEU B 113 20.06 -14.90 3.69
C LEU B 113 19.46 -14.89 2.28
N ASP B 114 19.49 -16.04 1.62
CA ASP B 114 18.83 -16.18 0.33
C ASP B 114 17.47 -16.85 0.49
N ARG B 115 16.80 -17.06 -0.64
CA ARG B 115 15.44 -17.60 -0.65
C ARG B 115 15.31 -18.94 0.06
N ASN B 116 16.21 -19.87 -0.27
CA ASN B 116 16.16 -21.23 0.24
C ASN B 116 16.24 -21.30 1.76
N GLN B 117 16.91 -20.33 2.37
CA GLN B 117 17.03 -20.28 3.83
C GLN B 117 15.74 -19.77 4.46
N GLY B 118 14.99 -18.97 3.71
CA GLY B 118 13.69 -18.49 4.16
C GLY B 118 12.71 -19.64 4.30
N LYS B 119 12.96 -20.72 3.55
CA LYS B 119 12.13 -21.92 3.61
C LYS B 119 12.23 -22.62 4.96
N CYS B 120 13.30 -22.35 5.71
CA CYS B 120 13.49 -22.96 7.02
C CYS B 120 12.40 -22.52 8.00
N VAL B 121 11.78 -21.38 7.71
CA VAL B 121 10.66 -20.88 8.49
C VAL B 121 9.40 -20.90 7.63
N GLU B 122 8.37 -21.59 8.08
CA GLU B 122 7.15 -21.74 7.27
C GLU B 122 6.48 -20.40 7.03
N GLY B 123 6.03 -20.20 5.79
CA GLY B 123 5.34 -18.98 5.42
C GLY B 123 6.25 -17.78 5.19
N MET B 124 7.55 -17.99 5.39
CA MET B 124 8.50 -16.89 5.32
C MET B 124 9.01 -16.63 3.90
N VAL B 125 9.14 -17.70 3.10
CA VAL B 125 9.75 -17.57 1.79
C VAL B 125 8.94 -16.68 0.85
N GLU B 126 7.63 -16.65 1.05
CA GLU B 126 6.77 -15.79 0.23
C GLU B 126 7.06 -14.33 0.54
N ILE B 127 7.39 -14.07 1.80
CA ILE B 127 7.76 -12.73 2.24
C ILE B 127 9.15 -12.37 1.70
N PHE B 128 10.06 -13.34 1.73
CA PHE B 128 11.39 -13.17 1.14
C PHE B 128 11.29 -12.77 -0.32
N ASP B 129 10.48 -13.50 -1.08
CA ASP B 129 10.30 -13.25 -2.51
C ASP B 129 9.85 -11.81 -2.79
N MET B 130 8.90 -11.32 -1.98
CA MET B 130 8.41 -9.96 -2.12
C MET B 130 9.48 -8.94 -1.77
N LEU B 131 10.26 -9.24 -0.73
CA LEU B 131 11.36 -8.37 -0.33
C LEU B 131 12.44 -8.35 -1.41
N LEU B 132 12.81 -9.53 -1.88
CA LEU B 132 13.82 -9.67 -2.94
C LEU B 132 13.42 -8.94 -4.22
N ALA B 133 12.14 -8.94 -4.53
CA ALA B 133 11.64 -8.26 -5.72
C ALA B 133 11.65 -6.75 -5.53
N THR B 134 11.37 -6.30 -4.31
CA THR B 134 11.45 -4.88 -3.99
C THR B 134 12.90 -4.40 -4.11
N SER B 135 13.82 -5.27 -3.73
CA SER B 135 15.25 -4.97 -3.79
C SER B 135 15.72 -4.88 -5.23
N SER B 136 15.19 -5.77 -6.06
CA SER B 136 15.50 -5.75 -7.50
C SER B 136 14.96 -4.48 -8.14
N ARG B 137 13.77 -4.08 -7.70
CA ARG B 137 13.14 -2.87 -8.24
C ARG B 137 13.98 -1.64 -7.93
N PHE B 138 14.42 -1.50 -6.69
CA PHE B 138 15.29 -0.40 -6.29
C PHE B 138 16.58 -0.41 -7.09
N ARG B 139 17.08 -1.61 -7.39
CA ARG B 139 18.34 -1.75 -8.10
C ARG B 139 18.21 -1.30 -9.55
N MET B 140 17.12 -1.70 -10.19
CA MET B 140 16.87 -1.32 -11.58
C MET B 140 16.62 0.18 -11.69
N MET B 141 16.05 0.77 -10.64
CA MET B 141 15.78 2.19 -10.62
C MET B 141 17.00 3.00 -10.22
N ASN B 142 18.04 2.30 -9.77
CA ASN B 142 19.23 2.93 -9.19
C ASN B 142 18.82 3.91 -8.10
N LEU B 143 18.08 3.41 -7.12
CA LEU B 143 17.61 4.22 -6.00
C LEU B 143 18.79 4.87 -5.29
N GLN B 144 18.70 6.18 -5.07
CA GLN B 144 19.78 6.91 -4.42
C GLN B 144 19.54 7.03 -2.93
N GLY B 145 20.64 7.15 -2.17
CA GLY B 145 20.58 7.27 -0.73
C GLY B 145 19.68 8.41 -0.28
N GLU B 146 19.81 9.56 -0.94
CA GLU B 146 19.02 10.74 -0.63
C GLU B 146 17.53 10.48 -0.85
N GLU B 147 17.22 9.65 -1.85
CA GLU B 147 15.83 9.32 -2.14
C GLU B 147 15.28 8.36 -1.10
N PHE B 148 16.06 7.35 -0.74
CA PHE B 148 15.66 6.35 0.24
C PHE B 148 15.24 6.96 1.58
N VAL B 149 16.06 7.89 2.10
CA VAL B 149 15.75 8.51 3.38
C VAL B 149 14.49 9.37 3.29
N CYS B 150 14.24 9.98 2.13
CA CYS B 150 13.00 10.71 1.91
C CYS B 150 11.82 9.75 1.94
N LEU B 151 11.96 8.62 1.26
CA LEU B 151 10.90 7.60 1.22
C LEU B 151 10.58 7.06 2.60
N LYS B 152 11.62 6.73 3.36
CA LYS B 152 11.45 6.14 4.69
C LYS B 152 10.75 7.11 5.63
N SER B 153 11.07 8.40 5.52
CA SER B 153 10.43 9.41 6.35
C SER B 153 8.97 9.60 5.92
N ILE B 154 8.70 9.47 4.63
CA ILE B 154 7.34 9.52 4.11
C ILE B 154 6.49 8.43 4.74
N ILE B 155 7.03 7.20 4.76
CA ILE B 155 6.36 6.06 5.38
C ILE B 155 5.95 6.34 6.82
N LEU B 156 6.88 6.90 7.59
CA LEU B 156 6.66 7.23 8.99
C LEU B 156 5.47 8.15 9.21
N LEU B 157 5.37 9.18 8.38
CA LEU B 157 4.32 10.19 8.54
C LEU B 157 3.03 9.80 7.83
N ASN B 158 3.11 8.91 6.85
CA ASN B 158 1.96 8.59 6.02
C ASN B 158 1.14 7.38 6.48
N SER B 159 1.82 6.37 7.00
CA SER B 159 1.19 5.07 7.21
C SER B 159 0.02 5.08 8.21
N GLY B 160 0.09 5.94 9.22
CA GLY B 160 -0.95 5.98 10.23
C GLY B 160 -1.81 7.24 10.22
N VAL B 161 -1.56 8.13 9.27
CA VAL B 161 -2.21 9.44 9.24
C VAL B 161 -3.74 9.35 9.07
N TYR B 162 -4.22 8.20 8.58
CA TYR B 162 -5.66 8.00 8.42
C TYR B 162 -6.19 6.97 9.41
N GLU B 174 -2.70 19.91 12.54
CA GLU B 174 -2.47 18.66 13.24
C GLU B 174 -2.17 17.53 12.26
N LYS B 175 -3.21 16.97 11.65
CA LYS B 175 -3.03 16.10 10.50
C LYS B 175 -2.68 16.99 9.31
N ASP B 176 -3.15 18.22 9.37
CA ASP B 176 -2.79 19.26 8.41
C ASP B 176 -1.30 19.58 8.47
N HIS B 177 -0.72 19.50 9.66
CA HIS B 177 0.71 19.74 9.77
C HIS B 177 1.49 18.59 9.17
N ILE B 178 0.99 17.38 9.38
CA ILE B 178 1.61 16.18 8.84
C ILE B 178 1.69 16.22 7.31
N HIS B 179 0.62 16.68 6.68
CA HIS B 179 0.58 16.75 5.22
C HIS B 179 1.44 17.89 4.68
N ARG B 180 1.61 18.94 5.49
CA ARG B 180 2.47 20.05 5.11
C ARG B 180 3.92 19.57 5.01
N VAL B 181 4.31 18.73 5.96
CA VAL B 181 5.65 18.15 5.97
C VAL B 181 5.80 17.13 4.84
N LEU B 182 4.74 16.37 4.59
CA LEU B 182 4.75 15.40 3.50
C LEU B 182 4.94 16.10 2.15
N ASP B 183 4.26 17.22 1.96
CA ASP B 183 4.44 18.02 0.75
C ASP B 183 5.87 18.51 0.64
N LYS B 184 6.42 18.91 1.79
CA LYS B 184 7.81 19.35 1.88
C LYS B 184 8.77 18.27 1.39
N ILE B 185 8.52 17.02 1.76
CA ILE B 185 9.38 15.92 1.36
C ILE B 185 9.21 15.60 -0.13
N THR B 186 8.02 15.80 -0.66
CA THR B 186 7.80 15.67 -2.10
C THR B 186 8.61 16.75 -2.85
N ASP B 187 8.58 17.97 -2.33
CA ASP B 187 9.38 19.06 -2.85
C ASP B 187 10.85 18.70 -2.85
N THR B 188 11.26 17.96 -1.83
CA THR B 188 12.65 17.52 -1.70
C THR B 188 13.02 16.49 -2.75
N LEU B 189 12.21 15.45 -2.88
CA LEU B 189 12.42 14.40 -3.88
C LEU B 189 12.57 14.98 -5.28
N ILE B 190 11.66 15.87 -5.64
CA ILE B 190 11.69 16.55 -6.93
C ILE B 190 12.98 17.36 -7.10
N HIS B 191 13.41 18.01 -6.02
CA HIS B 191 14.66 18.79 -6.07
C HIS B 191 15.83 17.86 -6.38
N LEU B 192 15.86 16.72 -5.71
CA LEU B 192 16.89 15.71 -5.95
C LEU B 192 16.92 15.28 -7.41
N MET B 193 15.74 15.05 -7.97
CA MET B 193 15.62 14.56 -9.34
C MET B 193 16.01 15.62 -10.37
N ALA B 194 15.59 16.86 -10.12
CA ALA B 194 15.97 17.97 -10.98
C ALA B 194 17.48 18.17 -10.96
N LYS B 195 18.08 17.98 -9.79
CA LYS B 195 19.51 18.16 -9.62
C LYS B 195 20.31 17.07 -10.32
N ALA B 196 19.72 15.88 -10.44
CA ALA B 196 20.36 14.76 -11.12
C ALA B 196 20.18 14.87 -12.63
N GLY B 197 19.47 15.90 -13.08
CA GLY B 197 19.37 16.20 -14.49
C GLY B 197 18.12 15.70 -15.20
N LEU B 198 17.19 15.11 -14.46
CA LEU B 198 15.96 14.61 -15.04
C LEU B 198 15.08 15.74 -15.57
N THR B 199 14.47 15.52 -16.74
CA THR B 199 13.48 16.46 -17.27
C THR B 199 12.25 16.44 -16.37
N LEU B 200 11.42 17.46 -16.48
CA LEU B 200 10.21 17.56 -15.69
C LEU B 200 9.36 16.30 -15.80
N GLN B 201 9.20 15.80 -17.02
CA GLN B 201 8.44 14.58 -17.26
C GLN B 201 9.05 13.41 -16.52
N GLN B 202 10.38 13.28 -16.62
CA GLN B 202 11.09 12.21 -15.93
C GLN B 202 10.97 12.33 -14.43
N GLN B 203 10.95 13.57 -13.94
CA GLN B 203 10.85 13.83 -12.51
C GLN B 203 9.54 13.33 -11.90
N HIS B 204 8.41 13.68 -12.52
CA HIS B 204 7.10 13.26 -12.05
CA HIS B 204 7.15 13.24 -11.95
C HIS B 204 6.90 11.76 -12.24
N GLN B 205 7.56 11.20 -13.24
CA GLN B 205 7.44 9.78 -13.52
C GLN B 205 8.17 8.97 -12.46
N ARG B 206 9.39 9.41 -12.14
CA ARG B 206 10.20 8.74 -11.12
C ARG B 206 9.55 8.89 -9.75
N LEU B 207 9.03 10.07 -9.46
CA LEU B 207 8.31 10.32 -8.22
C LEU B 207 7.19 9.30 -8.04
N ALA B 208 6.45 9.05 -9.12
CA ALA B 208 5.34 8.10 -9.09
C ALA B 208 5.82 6.67 -8.86
N GLN B 209 6.84 6.27 -9.61
CA GLN B 209 7.42 4.93 -9.47
C GLN B 209 7.87 4.66 -8.03
N LEU B 210 8.50 5.66 -7.42
CA LEU B 210 8.99 5.55 -6.06
C LEU B 210 7.86 5.44 -5.05
N LEU B 211 6.81 6.23 -5.23
CA LEU B 211 5.70 6.24 -4.28
C LEU B 211 4.81 5.02 -4.44
N LEU B 212 4.77 4.45 -5.63
CA LEU B 212 3.98 3.24 -5.86
C LEU B 212 4.65 2.03 -5.21
N ILE B 213 5.96 2.13 -4.97
CA ILE B 213 6.68 1.12 -4.22
C ILE B 213 6.13 1.01 -2.80
N LEU B 214 5.76 2.16 -2.24
CA LEU B 214 5.25 2.23 -0.88
C LEU B 214 3.99 1.40 -0.71
N SER B 215 3.25 1.18 -1.80
CA SER B 215 2.06 0.35 -1.77
C SER B 215 2.45 -1.10 -1.46
N HIS B 216 3.54 -1.53 -2.09
CA HIS B 216 3.96 -2.92 -1.97
C HIS B 216 4.64 -3.15 -0.63
N ILE B 217 5.39 -2.16 -0.16
CA ILE B 217 5.95 -2.18 1.18
C ILE B 217 4.84 -2.32 2.22
N ARG B 218 3.74 -1.61 2.01
CA ARG B 218 2.58 -1.75 2.88
C ARG B 218 2.05 -3.17 2.87
N HIS B 219 1.88 -3.71 1.66
CA HIS B 219 1.39 -5.08 1.49
C HIS B 219 2.27 -6.08 2.24
N MET B 220 3.59 -5.94 2.06
CA MET B 220 4.56 -6.81 2.73
C MET B 220 4.43 -6.72 4.24
N SER B 221 4.33 -5.51 4.75
CA SER B 221 4.19 -5.28 6.19
C SER B 221 2.96 -5.95 6.76
N ASN B 222 1.84 -5.82 6.04
CA ASN B 222 0.59 -6.49 6.42
C ASN B 222 0.79 -8.00 6.54
N LYS B 223 1.52 -8.55 5.57
CA LYS B 223 1.84 -9.97 5.54
C LYS B 223 2.77 -10.37 6.67
N GLY B 224 3.86 -9.62 6.84
CA GLY B 224 4.81 -9.89 7.90
C GLY B 224 4.19 -9.78 9.27
N MET B 225 3.29 -8.81 9.43
CA MET B 225 2.61 -8.62 10.70
C MET B 225 1.78 -9.84 11.06
N GLU B 226 1.04 -10.36 10.08
CA GLU B 226 0.25 -11.57 10.28
C GLU B 226 1.16 -12.76 10.56
N HIS B 227 2.28 -12.83 9.84
CA HIS B 227 3.25 -13.90 10.02
C HIS B 227 3.83 -13.86 11.43
N LEU B 228 4.16 -12.66 11.89
CA LEU B 228 4.72 -12.45 13.20
C LEU B 228 3.73 -12.86 14.28
N TYR B 229 2.46 -12.54 14.06
CA TYR B 229 1.41 -12.88 15.01
C TYR B 229 1.23 -14.40 15.12
N SER B 230 1.44 -15.10 14.00
CA SER B 230 1.29 -16.55 13.98
C SER B 230 2.44 -17.22 14.72
N MET B 231 3.63 -16.64 14.63
CA MET B 231 4.82 -17.18 15.26
C MET B 231 4.75 -17.01 16.77
N LYS B 232 4.09 -15.94 17.21
CA LYS B 232 3.83 -15.71 18.62
C LYS B 232 2.91 -16.78 19.20
N CYS B 233 1.81 -17.05 18.49
CA CYS B 233 0.87 -18.08 18.90
C CYS B 233 1.47 -19.47 18.75
N LYS B 234 2.52 -19.57 17.94
CA LYS B 234 3.26 -20.81 17.79
C LYS B 234 4.24 -21.00 18.94
N ASN B 235 4.53 -19.90 19.64
CA ASN B 235 5.49 -19.88 20.74
C ASN B 235 6.88 -20.35 20.34
N VAL B 236 7.17 -20.27 19.04
CA VAL B 236 8.47 -20.70 18.53
C VAL B 236 9.58 -19.78 19.04
N VAL B 237 9.40 -18.48 18.88
CA VAL B 237 10.39 -17.51 19.29
C VAL B 237 9.85 -16.65 20.43
N PRO B 238 10.65 -16.48 21.49
CA PRO B 238 10.29 -15.51 22.53
C PRO B 238 10.36 -14.09 21.97
N LEU B 239 9.24 -13.37 22.03
CA LEU B 239 9.18 -12.02 21.52
C LEU B 239 9.45 -11.01 22.63
N SER B 240 10.25 -10.00 22.33
CA SER B 240 10.54 -8.95 23.29
C SER B 240 9.26 -8.20 23.66
N ASP B 241 9.22 -7.63 24.85
CA ASP B 241 8.05 -6.91 25.34
C ASP B 241 7.67 -5.76 24.42
N LEU B 242 8.68 -5.04 23.93
CA LEU B 242 8.44 -3.94 23.00
C LEU B 242 7.85 -4.46 21.70
N LEU B 243 8.40 -5.57 21.20
CA LEU B 243 7.92 -6.17 19.96
C LEU B 243 6.49 -6.69 20.13
N LEU B 244 6.21 -7.20 21.33
CA LEU B 244 4.88 -7.71 21.67
C LEU B 244 3.84 -6.60 21.78
N GLU B 245 4.30 -5.37 22.01
CA GLU B 245 3.39 -4.24 22.07
C GLU B 245 3.21 -3.61 20.69
N MET B 246 4.29 -3.59 19.91
CA MET B 246 4.23 -3.11 18.53
C MET B 246 3.35 -4.02 17.68
N LEU B 247 3.16 -5.25 18.13
CA LEU B 247 2.36 -6.23 17.41
C LEU B 247 0.89 -6.12 17.78
N ASP B 248 0.61 -5.69 19.02
CA ASP B 248 -0.76 -5.55 19.49
C ASP B 248 -1.41 -4.29 18.92
N ALA B 249 -0.62 -3.44 18.27
CA ALA B 249 -1.12 -2.23 17.64
C ALA B 249 -1.95 -2.55 16.41
N HIS B 250 -1.60 -3.65 15.77
CA HIS B 250 -2.27 -4.11 14.55
C HIS B 250 -3.31 -5.20 14.84
N ARG B 251 -3.35 -5.68 16.08
CA ARG B 251 -4.27 -6.76 16.45
C ARG B 251 -5.38 -6.29 17.38
N HIS C 2 -8.33 -25.04 -14.50
CA HIS C 2 -9.55 -24.37 -14.92
C HIS C 2 -9.85 -23.19 -13.99
N LYS C 3 -10.32 -22.09 -14.57
CA LYS C 3 -10.56 -20.88 -13.82
C LYS C 3 -11.71 -20.05 -14.37
N ILE C 4 -12.59 -19.59 -13.50
CA ILE C 4 -13.70 -18.75 -13.93
C ILE C 4 -13.16 -17.44 -14.50
N LEU C 5 -12.16 -16.86 -13.83
CA LEU C 5 -11.50 -15.65 -14.27
C LEU C 5 -10.96 -15.79 -15.71
N HIS C 6 -10.49 -16.99 -16.04
CA HIS C 6 -10.05 -17.27 -17.40
C HIS C 6 -11.19 -17.08 -18.40
N ARG C 7 -12.37 -17.59 -18.07
CA ARG C 7 -13.51 -17.49 -18.97
C ARG C 7 -13.95 -16.03 -19.17
N LEU C 8 -14.02 -15.28 -18.07
CA LEU C 8 -14.46 -13.88 -18.11
C LEU C 8 -13.56 -13.04 -19.01
N LEU C 9 -12.25 -13.30 -18.96
CA LEU C 9 -11.29 -12.53 -19.72
C LEU C 9 -11.33 -12.84 -21.21
N GLN C 10 -11.47 -14.12 -21.55
CA GLN C 10 -11.58 -14.53 -22.96
C GLN C 10 -12.89 -14.06 -23.59
N ASP C 11 -13.92 -13.93 -22.77
CA ASP C 11 -15.28 -13.63 -23.25
C ASP C 11 -15.74 -12.19 -23.00
N SER C 12 -14.88 -11.37 -22.38
CA SER C 12 -15.16 -9.97 -22.03
C SER C 12 -15.75 -9.17 -23.20
N SER C 13 -16.61 -8.21 -22.86
CA SER C 13 -17.27 -7.38 -23.85
C SER C 13 -17.03 -5.90 -23.57
N LYS D 3 2.62 2.69 27.61
CA LYS D 3 3.31 1.68 26.83
C LYS D 3 4.81 1.96 26.75
N ILE D 4 5.58 0.94 26.37
CA ILE D 4 7.02 1.05 26.26
C ILE D 4 7.42 2.10 25.22
N LEU D 5 6.72 2.09 24.09
CA LEU D 5 6.97 3.04 23.01
C LEU D 5 6.77 4.48 23.49
N HIS D 6 5.77 4.67 24.33
CA HIS D 6 5.47 5.97 24.93
C HIS D 6 6.64 6.47 25.78
N ARG D 7 7.21 5.57 26.59
CA ARG D 7 8.35 5.90 27.44
C ARG D 7 9.57 6.35 26.63
N LEU D 8 9.95 5.54 25.66
CA LEU D 8 11.13 5.82 24.85
C LEU D 8 10.99 7.12 24.06
N LEU D 9 9.80 7.34 23.50
CA LEU D 9 9.51 8.56 22.78
C LEU D 9 9.57 9.78 23.69
N GLN D 10 9.21 9.58 24.95
CA GLN D 10 9.14 10.66 25.91
C GLN D 10 10.52 10.98 26.50
N ASP D 11 11.26 9.93 26.84
CA ASP D 11 12.56 10.08 27.46
C ASP D 11 13.64 10.45 26.45
#